data_8HK9
#
_entry.id   8HK9
#
_cell.length_a   131.883
_cell.length_b   131.883
_cell.length_c   75.577
_cell.angle_alpha   90.00
_cell.angle_beta   90.00
_cell.angle_gamma   90.00
#
_symmetry.space_group_name_H-M   'I 4'
#
loop_
_entity.id
_entity.type
_entity.pdbx_description
1 polymer 'Periplasmic terephthalate binding protein (TBP)'
2 non-polymer GLYCEROL
3 water water
#
_entity_poly.entity_id   1
_entity_poly.type   'polypeptide(L)'
_entity_poly.pdbx_seq_one_letter_code
;MPQALKIIVPYPAGGTADILPRVVAEKLRAQFPAGVLIDNRTGAGGNIGAEAVFRAEPDGNTLLASPPGPIAINHHLYRK
MAFDPSKWEPVTVLATVPNVLVVNPRLPVKNVQEFIAYAKANPGKVTYGSQGNGTTSHLTASLFMQLTGTEMVHVPYKGT
APALVDLVGGQIDVFFDNISSSLPFHQAGKLRILGVADEQRSAALPEVPTFAEQGLPSMNAVTWFAVVAPPGTPAAKVAA
LQKSFAGALTQPEVQQKFAEQGAEPRGWDPARTGQFIRAESAKWDRVIRSANVRLDLEHHHHHH
;
_entity_poly.pdbx_strand_id   D,A
#
# COMPACT_ATOMS: atom_id res chain seq x y z
N GLN A 3 -7.39 -20.30 31.75
CA GLN A 3 -8.27 -20.10 30.57
C GLN A 3 -7.45 -20.17 29.29
N ALA A 4 -7.52 -21.30 28.58
CA ALA A 4 -6.71 -21.46 27.35
C ALA A 4 -7.35 -20.67 26.22
N LEU A 5 -6.53 -20.13 25.33
CA LEU A 5 -7.12 -19.44 24.15
C LEU A 5 -7.35 -20.51 23.08
N LYS A 6 -8.59 -20.64 22.65
CA LYS A 6 -8.92 -21.56 21.59
C LYS A 6 -9.16 -20.75 20.32
N ILE A 7 -8.38 -21.10 19.31
CA ILE A 7 -8.55 -20.48 18.01
C ILE A 7 -8.97 -21.56 17.03
N ILE A 8 -10.16 -21.38 16.44
CA ILE A 8 -10.59 -22.30 15.41
C ILE A 8 -10.23 -21.74 14.04
N VAL A 9 -9.50 -22.57 13.27
CA VAL A 9 -9.22 -22.36 11.85
C VAL A 9 -10.14 -23.31 11.08
N PRO A 10 -11.14 -22.81 10.31
CA PRO A 10 -12.12 -23.68 9.67
C PRO A 10 -11.69 -24.22 8.30
N TYR A 11 -10.42 -24.63 8.22
CA TYR A 11 -9.76 -25.15 7.02
C TYR A 11 -8.76 -26.20 7.50
N PRO A 12 -8.29 -27.12 6.64
CA PRO A 12 -7.35 -28.15 7.06
C PRO A 12 -5.99 -27.64 7.57
N ALA A 13 -5.35 -28.43 8.44
CA ALA A 13 -3.96 -28.20 8.80
C ALA A 13 -3.06 -28.16 7.56
N GLY A 14 -2.02 -27.33 7.62
CA GLY A 14 -0.92 -27.42 6.66
C GLY A 14 -0.99 -26.40 5.52
N GLY A 15 -2.16 -25.79 5.31
CA GLY A 15 -2.29 -24.70 4.35
C GLY A 15 -2.05 -23.32 4.97
N THR A 16 -2.17 -22.30 4.13
CA THR A 16 -1.89 -20.92 4.55
C THR A 16 -2.79 -20.51 5.72
N ALA A 17 -4.09 -20.85 5.64
CA ALA A 17 -5.06 -20.49 6.65
C ALA A 17 -4.67 -21.03 8.02
N ASP A 18 -3.98 -22.17 8.04
CA ASP A 18 -3.56 -22.82 9.26
C ASP A 18 -2.22 -22.25 9.72
N ILE A 19 -1.28 -22.12 8.79
CA ILE A 19 0.09 -21.73 9.07
C ILE A 19 0.16 -20.35 9.74
N LEU A 20 -0.57 -19.36 9.23
CA LEU A 20 -0.41 -17.99 9.69
C LEU A 20 -0.82 -17.83 11.17
N PRO A 21 -2.04 -18.24 11.58
CA PRO A 21 -2.40 -18.14 13.00
C PRO A 21 -1.53 -19.00 13.90
N ARG A 22 -1.03 -20.14 13.38
CA ARG A 22 -0.12 -20.97 14.15
C ARG A 22 1.21 -20.27 14.40
N VAL A 23 1.80 -19.67 13.36
CA VAL A 23 3.07 -18.96 13.54
C VAL A 23 2.88 -17.88 14.62
N VAL A 24 1.76 -17.14 14.55
CA VAL A 24 1.49 -16.06 15.50
C VAL A 24 1.29 -16.60 16.90
N ALA A 25 0.55 -17.70 17.05
CA ALA A 25 0.21 -18.26 18.35
C ALA A 25 1.44 -18.81 19.07
N GLU A 26 2.46 -19.21 18.30
CA GLU A 26 3.74 -19.65 18.84
C GLU A 26 4.39 -18.53 19.64
N LYS A 27 4.10 -17.27 19.27
CA LYS A 27 4.68 -16.11 19.92
C LYS A 27 3.88 -15.64 21.12
N LEU A 28 2.66 -16.14 21.30
CA LEU A 28 1.74 -15.66 22.33
C LEU A 28 1.80 -16.51 23.61
N ARG A 29 2.69 -17.51 23.68
CA ARG A 29 2.60 -18.57 24.69
C ARG A 29 2.73 -18.03 26.12
N ALA A 30 3.72 -17.15 26.35
CA ALA A 30 3.97 -16.57 27.66
C ALA A 30 2.73 -15.84 28.17
N GLN A 31 1.93 -15.25 27.27
CA GLN A 31 0.73 -14.50 27.66
C GLN A 31 -0.45 -15.40 28.02
N PHE A 32 -0.46 -16.62 27.48
CA PHE A 32 -1.59 -17.52 27.64
C PHE A 32 -1.10 -18.79 28.33
N PRO A 33 -0.77 -18.72 29.64
CA PRO A 33 -0.14 -19.84 30.35
C PRO A 33 -0.92 -21.16 30.25
N ALA A 34 -2.26 -21.08 30.16
CA ALA A 34 -3.11 -22.25 30.01
C ALA A 34 -3.08 -22.76 28.55
N GLY A 35 -2.27 -22.12 27.71
CA GLY A 35 -1.99 -22.60 26.37
C GLY A 35 -2.83 -21.88 25.32
N VAL A 36 -2.29 -21.87 24.09
CA VAL A 36 -3.05 -21.44 22.93
C VAL A 36 -3.21 -22.65 22.02
N LEU A 37 -4.47 -22.93 21.66
CA LEU A 37 -4.82 -24.14 20.94
C LEU A 37 -5.46 -23.73 19.61
N ILE A 38 -4.82 -24.17 18.53
CA ILE A 38 -5.38 -24.10 17.20
C ILE A 38 -6.17 -25.39 16.94
N ASP A 39 -7.46 -25.25 16.61
CA ASP A 39 -8.33 -26.36 16.25
C ASP A 39 -8.72 -26.21 14.77
N ASN A 40 -8.45 -27.23 13.93
CA ASN A 40 -8.91 -27.25 12.54
C ASN A 40 -10.28 -27.89 12.43
N ARG A 41 -11.21 -27.18 11.79
CA ARG A 41 -12.56 -27.70 11.63
C ARG A 41 -13.05 -27.36 10.23
N THR A 42 -12.86 -28.29 9.30
CA THR A 42 -13.18 -28.08 7.89
C THR A 42 -14.66 -28.26 7.62
N GLY A 43 -15.11 -27.69 6.49
CA GLY A 43 -16.43 -27.93 5.97
C GLY A 43 -17.15 -26.66 5.55
N ALA A 44 -17.93 -26.81 4.47
CA ALA A 44 -18.98 -25.88 4.08
C ALA A 44 -18.41 -24.46 3.98
N GLY A 45 -17.24 -24.34 3.34
CA GLY A 45 -16.69 -23.03 3.02
C GLY A 45 -16.23 -22.27 4.26
N GLY A 46 -15.88 -23.03 5.30
CA GLY A 46 -15.54 -22.51 6.61
C GLY A 46 -16.75 -22.31 7.54
N ASN A 47 -17.96 -22.69 7.10
CA ASN A 47 -19.15 -22.40 7.88
C ASN A 47 -19.23 -23.28 9.12
N ILE A 48 -18.62 -24.47 9.08
CA ILE A 48 -18.75 -25.40 10.19
C ILE A 48 -17.93 -24.90 11.38
N GLY A 49 -16.65 -24.61 11.17
CA GLY A 49 -15.83 -24.04 12.23
C GLY A 49 -16.39 -22.70 12.68
N ALA A 50 -16.80 -21.88 11.70
CA ALA A 50 -17.29 -20.55 11.98
C ALA A 50 -18.49 -20.62 12.92
N GLU A 51 -19.43 -21.54 12.64
CA GLU A 51 -20.62 -21.68 13.49
C GLU A 51 -20.23 -22.02 14.94
N ALA A 52 -19.23 -22.90 15.15
CA ALA A 52 -18.82 -23.32 16.50
C ALA A 52 -18.34 -22.11 17.31
N VAL A 53 -17.54 -21.21 16.70
CA VAL A 53 -17.13 -19.98 17.34
C VAL A 53 -18.31 -19.02 17.52
N PHE A 54 -19.17 -18.87 16.52
CA PHE A 54 -20.28 -17.93 16.61
C PHE A 54 -21.12 -18.21 17.86
N ARG A 55 -21.24 -19.51 18.21
CA ARG A 55 -22.11 -20.00 19.27
C ARG A 55 -21.45 -19.91 20.63
N ALA A 56 -20.12 -19.78 20.64
CA ALA A 56 -19.37 -19.97 21.87
C ALA A 56 -19.58 -18.77 22.78
N GLU A 57 -19.09 -18.92 24.00
CA GLU A 57 -19.16 -17.86 24.97
C GLU A 57 -18.35 -16.66 24.48
N PRO A 58 -18.94 -15.44 24.48
CA PRO A 58 -18.26 -14.25 24.01
C PRO A 58 -17.31 -13.66 25.05
N ASP A 59 -16.42 -14.50 25.59
CA ASP A 59 -15.45 -14.06 26.58
C ASP A 59 -14.10 -13.73 25.92
N GLY A 60 -13.96 -13.89 24.59
CA GLY A 60 -12.70 -13.64 23.89
C GLY A 60 -11.67 -14.77 24.01
N ASN A 61 -12.06 -15.88 24.66
CA ASN A 61 -11.20 -17.05 24.76
C ASN A 61 -11.56 -18.09 23.70
N THR A 62 -12.62 -17.84 22.90
CA THR A 62 -12.83 -18.61 21.67
C THR A 62 -12.97 -17.66 20.48
N LEU A 63 -12.08 -17.89 19.49
CA LEU A 63 -11.87 -17.01 18.35
C LEU A 63 -11.84 -17.81 17.06
N LEU A 64 -12.26 -17.17 15.96
CA LEU A 64 -12.13 -17.73 14.61
C LEU A 64 -11.01 -16.99 13.87
N ALA A 65 -10.03 -17.75 13.37
CA ALA A 65 -9.00 -17.27 12.49
C ALA A 65 -9.22 -17.88 11.10
N SER A 66 -9.77 -17.09 10.16
CA SER A 66 -10.28 -17.57 8.89
C SER A 66 -9.94 -16.63 7.76
N PRO A 67 -9.80 -17.18 6.52
CA PRO A 67 -9.96 -16.38 5.30
C PRO A 67 -11.38 -15.89 5.18
N PRO A 68 -11.69 -15.13 4.12
CA PRO A 68 -12.94 -14.38 4.07
C PRO A 68 -14.26 -15.15 4.12
N GLY A 69 -14.30 -16.39 3.60
CA GLY A 69 -15.55 -17.12 3.38
C GLY A 69 -16.61 -16.87 4.45
N PRO A 70 -16.48 -17.47 5.65
CA PRO A 70 -17.46 -17.33 6.72
C PRO A 70 -17.52 -15.98 7.47
N ILE A 71 -16.73 -14.98 7.05
CA ILE A 71 -16.74 -13.67 7.68
C ILE A 71 -17.51 -12.70 6.81
N ALA A 72 -17.28 -12.72 5.48
CA ALA A 72 -17.74 -11.64 4.62
C ALA A 72 -18.41 -12.13 3.31
N ILE A 73 -18.40 -13.44 2.99
CA ILE A 73 -18.78 -13.86 1.63
C ILE A 73 -19.92 -14.86 1.60
N ASN A 74 -19.90 -15.83 2.51
CA ASN A 74 -20.71 -17.03 2.37
C ASN A 74 -22.20 -16.70 2.40
N HIS A 75 -22.59 -15.74 3.23
CA HIS A 75 -24.01 -15.40 3.36
C HIS A 75 -24.54 -14.74 2.09
N HIS A 76 -23.64 -14.32 1.18
CA HIS A 76 -24.07 -13.86 -0.13
C HIS A 76 -24.16 -15.01 -1.13
N LEU A 77 -23.62 -16.18 -0.78
CA LEU A 77 -23.60 -17.33 -1.66
C LEU A 77 -24.59 -18.40 -1.19
N TYR A 78 -24.49 -18.73 0.09
CA TYR A 78 -25.36 -19.81 0.64
C TYR A 78 -26.76 -19.25 0.87
N ARG A 79 -27.77 -20.00 0.42
CA ARG A 79 -29.17 -19.55 0.59
C ARG A 79 -29.46 -19.29 2.06
N LYS A 80 -29.37 -20.33 2.89
CA LYS A 80 -29.55 -20.11 4.34
C LYS A 80 -28.37 -20.68 5.13
N MET A 81 -28.01 -20.00 6.21
CA MET A 81 -26.85 -20.44 7.03
C MET A 81 -27.26 -20.46 8.50
N ALA A 82 -26.47 -21.15 9.32
CA ALA A 82 -26.78 -21.30 10.73
C ALA A 82 -26.41 -20.06 11.55
N PHE A 83 -25.81 -19.04 10.93
CA PHE A 83 -25.44 -17.82 11.67
C PHE A 83 -25.38 -16.63 10.71
N ASP A 84 -25.39 -15.43 11.31
CA ASP A 84 -25.33 -14.18 10.55
C ASP A 84 -23.91 -13.63 10.65
N PRO A 85 -23.09 -13.70 9.57
CA PRO A 85 -21.76 -13.11 9.56
C PRO A 85 -21.62 -11.62 9.89
N SER A 86 -22.66 -10.81 9.64
CA SER A 86 -22.59 -9.38 9.90
C SER A 86 -22.48 -9.09 11.40
N LYS A 87 -22.62 -10.14 12.24
CA LYS A 87 -22.68 -10.01 13.69
C LYS A 87 -21.35 -10.36 14.35
N TRP A 88 -20.35 -10.79 13.54
CA TRP A 88 -19.02 -11.03 14.06
C TRP A 88 -18.48 -9.79 14.76
N GLU A 89 -17.69 -9.97 15.83
CA GLU A 89 -16.96 -8.87 16.45
C GLU A 89 -15.53 -8.92 15.93
N PRO A 90 -15.11 -7.95 15.09
CA PRO A 90 -13.76 -7.93 14.54
C PRO A 90 -12.64 -7.78 15.55
N VAL A 91 -11.52 -8.51 15.37
CA VAL A 91 -10.37 -8.36 16.23
C VAL A 91 -9.25 -7.72 15.41
N THR A 92 -8.80 -8.41 14.34
CA THR A 92 -7.69 -7.99 13.50
C THR A 92 -7.73 -8.71 12.15
N VAL A 93 -6.89 -8.21 11.25
CA VAL A 93 -6.51 -8.93 10.04
C VAL A 93 -5.04 -9.25 10.25
N LEU A 94 -4.73 -10.55 10.31
CA LEU A 94 -3.36 -11.01 10.44
C LEU A 94 -2.52 -10.68 9.21
N ALA A 95 -3.11 -10.81 8.01
CA ALA A 95 -2.32 -10.78 6.78
C ALA A 95 -3.22 -10.73 5.55
N THR A 96 -2.60 -10.31 4.43
CA THR A 96 -3.21 -10.35 3.11
C THR A 96 -2.29 -11.09 2.15
N VAL A 97 -2.88 -11.98 1.32
CA VAL A 97 -2.17 -12.66 0.24
C VAL A 97 -2.88 -12.29 -1.05
N PRO A 98 -2.26 -11.50 -1.94
CA PRO A 98 -2.97 -11.01 -3.13
C PRO A 98 -3.22 -12.11 -4.16
N ASN A 99 -4.32 -11.98 -4.90
CA ASN A 99 -4.56 -12.74 -6.14
C ASN A 99 -3.84 -12.06 -7.29
N VAL A 100 -3.55 -12.88 -8.31
CA VAL A 100 -2.82 -12.50 -9.50
C VAL A 100 -3.55 -13.09 -10.70
N LEU A 101 -3.36 -12.42 -11.85
CA LEU A 101 -3.71 -12.95 -13.17
C LEU A 101 -2.50 -13.70 -13.74
N VAL A 102 -2.63 -15.02 -13.87
CA VAL A 102 -1.58 -15.87 -14.39
C VAL A 102 -2.07 -16.48 -15.69
N VAL A 103 -1.17 -16.55 -16.68
CA VAL A 103 -1.43 -17.14 -17.98
C VAL A 103 -0.35 -18.17 -18.32
N ASN A 104 -0.77 -19.10 -19.18
CA ASN A 104 0.12 -20.01 -19.84
C ASN A 104 1.08 -19.18 -20.70
N PRO A 105 2.39 -19.48 -20.73
CA PRO A 105 3.34 -18.59 -21.40
C PRO A 105 3.19 -18.52 -22.93
N ARG A 106 2.51 -19.50 -23.54
CA ARG A 106 2.27 -19.48 -24.99
C ARG A 106 1.20 -18.44 -25.32
N LEU A 107 0.42 -17.98 -24.33
CA LEU A 107 -0.57 -16.95 -24.63
C LEU A 107 0.19 -15.70 -25.07
N PRO A 108 -0.17 -15.05 -26.21
CA PRO A 108 0.69 -14.05 -26.82
C PRO A 108 0.41 -12.67 -26.23
N VAL A 109 0.55 -12.59 -24.91
CA VAL A 109 0.28 -11.36 -24.19
C VAL A 109 1.40 -11.19 -23.17
N LYS A 110 1.78 -9.92 -22.93
CA LYS A 110 2.93 -9.61 -22.10
C LYS A 110 2.51 -8.94 -20.79
N ASN A 111 1.30 -8.40 -20.73
CA ASN A 111 0.88 -7.56 -19.62
C ASN A 111 -0.63 -7.53 -19.62
N VAL A 112 -1.22 -6.76 -18.69
CA VAL A 112 -2.65 -6.74 -18.48
C VAL A 112 -3.36 -6.10 -19.67
N GLN A 113 -2.86 -4.96 -20.17
CA GLN A 113 -3.61 -4.24 -21.21
C GLN A 113 -3.66 -5.10 -22.47
N GLU A 114 -2.54 -5.75 -22.80
CA GLU A 114 -2.45 -6.70 -23.90
C GLU A 114 -3.42 -7.86 -23.71
N PHE A 115 -3.53 -8.37 -22.47
CA PHE A 115 -4.48 -9.44 -22.19
C PHE A 115 -5.91 -8.95 -22.37
N ILE A 116 -6.20 -7.73 -21.88
CA ILE A 116 -7.54 -7.19 -22.01
C ILE A 116 -7.92 -7.12 -23.49
N ALA A 117 -6.99 -6.60 -24.32
CA ALA A 117 -7.18 -6.45 -25.76
C ALA A 117 -7.40 -7.80 -26.46
N TYR A 118 -6.61 -8.82 -26.06
CA TYR A 118 -6.75 -10.19 -26.53
C TYR A 118 -8.14 -10.74 -26.18
N ALA A 119 -8.59 -10.52 -24.95
CA ALA A 119 -9.88 -11.02 -24.51
C ALA A 119 -11.05 -10.37 -25.24
N LYS A 120 -10.89 -9.11 -25.66
CA LYS A 120 -11.96 -8.38 -26.34
C LYS A 120 -11.93 -8.65 -27.85
N ALA A 121 -10.77 -8.90 -28.44
CA ALA A 121 -10.67 -9.30 -29.85
C ALA A 121 -11.23 -10.71 -30.05
N ASN A 122 -11.13 -11.54 -29.00
CA ASN A 122 -11.55 -12.93 -29.05
C ASN A 122 -12.69 -13.10 -28.06
N PRO A 123 -13.81 -12.35 -28.19
CA PRO A 123 -14.84 -12.29 -27.15
C PRO A 123 -15.38 -13.69 -26.87
N GLY A 124 -15.73 -13.92 -25.61
CA GLY A 124 -16.28 -15.19 -25.16
C GLY A 124 -15.36 -16.39 -25.38
N LYS A 125 -14.11 -16.20 -25.86
CA LYS A 125 -13.30 -17.34 -26.26
C LYS A 125 -12.23 -17.69 -25.23
N VAL A 126 -11.73 -16.70 -24.49
CA VAL A 126 -10.65 -16.96 -23.55
C VAL A 126 -11.24 -17.78 -22.41
N THR A 127 -10.50 -18.79 -21.96
CA THR A 127 -11.00 -19.68 -20.91
C THR A 127 -10.23 -19.42 -19.61
N TYR A 128 -10.98 -19.31 -18.51
CA TYR A 128 -10.37 -19.24 -17.19
C TYR A 128 -10.76 -20.44 -16.35
N GLY A 129 -9.79 -20.97 -15.59
CA GLY A 129 -10.05 -21.97 -14.57
C GLY A 129 -10.41 -21.31 -13.23
N SER A 130 -11.10 -22.07 -12.38
CA SER A 130 -11.33 -21.66 -11.01
C SER A 130 -11.29 -22.91 -10.15
N GLN A 131 -11.42 -22.72 -8.84
CA GLN A 131 -11.45 -23.78 -7.84
C GLN A 131 -12.88 -24.24 -7.61
N GLY A 132 -13.83 -23.69 -8.40
CA GLY A 132 -15.25 -23.96 -8.25
C GLY A 132 -16.08 -22.68 -8.10
N ASN A 133 -17.40 -22.78 -8.22
CA ASN A 133 -18.24 -21.59 -8.16
C ASN A 133 -18.14 -20.96 -6.76
N GLY A 134 -17.98 -19.63 -6.75
CA GLY A 134 -18.00 -18.85 -5.54
C GLY A 134 -16.66 -18.78 -4.83
N THR A 135 -15.65 -19.51 -5.36
CA THR A 135 -14.32 -19.49 -4.79
C THR A 135 -13.67 -18.15 -5.11
N THR A 136 -12.55 -17.87 -4.40
CA THR A 136 -11.79 -16.65 -4.62
C THR A 136 -11.33 -16.50 -6.07
N SER A 137 -10.84 -17.58 -6.71
CA SER A 137 -10.47 -17.52 -8.13
C SER A 137 -11.65 -17.20 -9.04
N HIS A 138 -12.84 -17.74 -8.75
CA HIS A 138 -14.05 -17.48 -9.54
C HIS A 138 -14.50 -16.02 -9.37
N LEU A 139 -14.56 -15.58 -8.11
CA LEU A 139 -15.01 -14.21 -7.84
C LEU A 139 -14.01 -13.18 -8.36
N THR A 140 -12.70 -13.50 -8.33
CA THR A 140 -11.69 -12.55 -8.80
C THR A 140 -11.82 -12.39 -10.32
N ALA A 141 -11.97 -13.51 -11.04
CA ALA A 141 -12.23 -13.49 -12.47
C ALA A 141 -13.48 -12.68 -12.79
N SER A 142 -14.52 -12.84 -11.97
CA SER A 142 -15.78 -12.14 -12.17
C SER A 142 -15.58 -10.63 -11.99
N LEU A 143 -14.80 -10.24 -10.98
CA LEU A 143 -14.51 -8.84 -10.75
C LEU A 143 -13.80 -8.27 -11.96
N PHE A 144 -12.78 -8.99 -12.45
CA PHE A 144 -12.01 -8.54 -13.60
C PHE A 144 -12.91 -8.29 -14.80
N MET A 145 -13.87 -9.20 -15.05
CA MET A 145 -14.70 -9.12 -16.24
C MET A 145 -15.68 -7.95 -16.14
N GLN A 146 -16.23 -7.71 -14.95
CA GLN A 146 -17.15 -6.60 -14.72
C GLN A 146 -16.43 -5.25 -14.85
N LEU A 147 -15.17 -5.17 -14.41
CA LEU A 147 -14.39 -3.96 -14.53
C LEU A 147 -13.97 -3.70 -15.97
N THR A 148 -13.78 -4.76 -16.76
CA THR A 148 -13.19 -4.60 -18.07
C THR A 148 -14.19 -4.79 -19.21
N GLY A 149 -15.40 -5.28 -18.91
CA GLY A 149 -16.33 -5.69 -19.96
C GLY A 149 -15.80 -6.79 -20.87
N THR A 150 -14.98 -7.71 -20.34
CA THR A 150 -14.55 -8.88 -21.08
C THR A 150 -15.50 -10.03 -20.76
N GLU A 151 -15.51 -11.02 -21.65
CA GLU A 151 -16.30 -12.22 -21.44
C GLU A 151 -15.40 -13.42 -21.69
N MET A 152 -15.39 -14.34 -20.73
CA MET A 152 -14.48 -15.47 -20.73
C MET A 152 -15.25 -16.71 -20.27
N VAL A 153 -14.74 -17.88 -20.66
CA VAL A 153 -15.44 -19.12 -20.39
C VAL A 153 -14.88 -19.74 -19.12
N HIS A 154 -15.79 -19.97 -18.16
CA HIS A 154 -15.48 -20.57 -16.87
C HIS A 154 -15.28 -22.09 -17.01
N VAL A 155 -14.12 -22.56 -16.57
CA VAL A 155 -13.86 -23.98 -16.39
C VAL A 155 -13.55 -24.27 -14.91
N PRO A 156 -14.56 -24.74 -14.13
CA PRO A 156 -14.38 -25.09 -12.71
C PRO A 156 -13.59 -26.36 -12.46
N TYR A 157 -12.69 -26.32 -11.46
CA TYR A 157 -11.88 -27.46 -11.04
C TYR A 157 -12.18 -27.78 -9.58
N LYS A 158 -11.85 -28.99 -9.13
CA LYS A 158 -11.85 -29.35 -7.73
C LYS A 158 -10.55 -28.85 -7.12
N GLY A 159 -10.49 -27.55 -6.84
CA GLY A 159 -9.37 -26.97 -6.13
C GLY A 159 -8.29 -26.47 -7.08
N THR A 160 -7.17 -26.03 -6.49
CA THR A 160 -6.16 -25.25 -7.19
C THR A 160 -5.33 -26.14 -8.11
N ALA A 161 -4.90 -27.31 -7.61
CA ALA A 161 -3.90 -28.15 -8.27
C ALA A 161 -4.38 -28.59 -9.65
N PRO A 162 -5.62 -29.11 -9.84
CA PRO A 162 -6.08 -29.48 -11.17
C PRO A 162 -6.13 -28.27 -12.09
N ALA A 163 -6.53 -27.11 -11.60
CA ALA A 163 -6.53 -25.89 -12.39
C ALA A 163 -5.12 -25.48 -12.83
N LEU A 164 -4.18 -25.53 -11.89
CA LEU A 164 -2.78 -25.13 -12.18
C LEU A 164 -2.14 -26.11 -13.19
N VAL A 165 -2.37 -27.41 -13.03
CA VAL A 165 -1.90 -28.39 -13.99
C VAL A 165 -2.45 -28.08 -15.40
N ASP A 166 -3.74 -27.74 -15.52
CA ASP A 166 -4.31 -27.45 -16.83
C ASP A 166 -3.78 -26.15 -17.40
N LEU A 167 -3.53 -25.14 -16.55
CA LEU A 167 -2.95 -23.91 -17.04
C LEU A 167 -1.53 -24.13 -17.58
N VAL A 168 -0.70 -24.86 -16.82
CA VAL A 168 0.66 -25.19 -17.24
C VAL A 168 0.63 -25.97 -18.55
N GLY A 169 -0.27 -26.95 -18.65
CA GLY A 169 -0.41 -27.74 -19.86
C GLY A 169 -1.04 -26.97 -21.03
N GLY A 170 -1.82 -25.93 -20.75
CA GLY A 170 -2.41 -25.14 -21.83
C GLY A 170 -3.86 -25.52 -22.15
N GLN A 171 -4.52 -26.29 -21.27
CA GLN A 171 -5.92 -26.67 -21.43
C GLN A 171 -6.86 -25.49 -21.06
N ILE A 172 -6.36 -24.52 -20.26
CA ILE A 172 -7.02 -23.24 -20.04
C ILE A 172 -6.04 -22.10 -20.31
N ASP A 173 -6.57 -20.89 -20.57
CA ASP A 173 -5.74 -19.74 -20.90
C ASP A 173 -5.30 -18.97 -19.65
N VAL A 174 -6.14 -18.90 -18.62
CA VAL A 174 -5.86 -17.98 -17.51
C VAL A 174 -6.43 -18.53 -16.20
N PHE A 175 -5.84 -18.06 -15.09
CA PHE A 175 -6.25 -18.44 -13.75
C PHE A 175 -6.03 -17.23 -12.87
N PHE A 176 -7.01 -16.87 -12.03
CA PHE A 176 -6.83 -15.84 -11.01
C PHE A 176 -6.44 -16.48 -9.69
N ASP A 177 -5.14 -16.79 -9.59
CA ASP A 177 -4.60 -17.66 -8.55
C ASP A 177 -4.12 -16.78 -7.41
N ASN A 178 -3.91 -17.37 -6.23
CA ASN A 178 -3.21 -16.63 -5.22
C ASN A 178 -1.73 -16.71 -5.60
N ILE A 179 -0.98 -15.69 -5.19
CA ILE A 179 0.37 -15.47 -5.68
C ILE A 179 1.26 -16.64 -5.30
N SER A 180 1.08 -17.24 -4.10
CA SER A 180 2.05 -18.22 -3.62
C SER A 180 1.96 -19.52 -4.41
N SER A 181 0.78 -19.83 -4.92
CA SER A 181 0.57 -21.00 -5.75
C SER A 181 1.36 -20.89 -7.07
N SER A 182 1.14 -19.78 -7.80
CA SER A 182 1.75 -19.55 -9.11
C SER A 182 3.22 -19.09 -9.08
N LEU A 183 3.69 -18.58 -7.93
CA LEU A 183 4.96 -17.86 -7.84
C LEU A 183 6.12 -18.67 -8.40
N PRO A 184 6.37 -19.92 -7.94
CA PRO A 184 7.56 -20.66 -8.39
C PRO A 184 7.55 -21.03 -9.88
N PHE A 185 6.34 -21.17 -10.45
CA PHE A 185 6.18 -21.40 -11.89
C PHE A 185 6.56 -20.15 -12.66
N HIS A 186 6.14 -18.98 -12.19
CA HIS A 186 6.54 -17.71 -12.77
C HIS A 186 8.05 -17.48 -12.69
N GLN A 187 8.66 -17.84 -11.56
CA GLN A 187 10.10 -17.66 -11.36
C GLN A 187 10.88 -18.54 -12.33
N ALA A 188 10.34 -19.71 -12.71
CA ALA A 188 10.95 -20.59 -13.69
C ALA A 188 10.48 -20.30 -15.13
N GLY A 189 9.75 -19.19 -15.34
CA GLY A 189 9.20 -18.82 -16.63
C GLY A 189 8.25 -19.85 -17.23
N LYS A 190 7.58 -20.66 -16.40
CA LYS A 190 6.70 -21.72 -16.87
C LYS A 190 5.22 -21.31 -16.81
N LEU A 191 4.93 -20.25 -16.04
CA LEU A 191 3.70 -19.48 -16.16
C LEU A 191 4.12 -18.03 -16.19
N ARG A 192 3.22 -17.13 -16.61
CA ARG A 192 3.50 -15.71 -16.62
C ARG A 192 2.44 -14.96 -15.83
N ILE A 193 2.85 -14.40 -14.68
CA ILE A 193 1.96 -13.54 -13.90
C ILE A 193 1.99 -12.16 -14.55
N LEU A 194 0.83 -11.65 -14.98
CA LEU A 194 0.71 -10.38 -15.69
C LEU A 194 0.47 -9.23 -14.74
N GLY A 195 -0.22 -9.54 -13.64
CA GLY A 195 -0.70 -8.52 -12.74
C GLY A 195 -0.99 -9.06 -11.34
N VAL A 196 -0.76 -8.19 -10.34
CA VAL A 196 -1.06 -8.47 -8.94
C VAL A 196 -2.27 -7.61 -8.56
N ALA A 197 -3.37 -8.25 -8.10
CA ALA A 197 -4.60 -7.56 -7.76
C ALA A 197 -4.55 -7.05 -6.32
N ASP A 198 -3.78 -5.97 -6.12
CA ASP A 198 -3.63 -5.34 -4.81
C ASP A 198 -3.19 -3.88 -5.03
N GLU A 199 -3.25 -3.09 -3.96
CA GLU A 199 -2.97 -1.65 -4.04
C GLU A 199 -1.48 -1.38 -4.23
N GLN A 200 -0.63 -2.33 -3.82
CA GLN A 200 0.81 -2.25 -3.99
C GLN A 200 1.35 -3.61 -4.41
N ARG A 201 2.57 -3.58 -4.99
CA ARG A 201 3.23 -4.75 -5.49
C ARG A 201 3.50 -5.72 -4.35
N SER A 202 3.72 -6.98 -4.73
CA SER A 202 4.00 -8.00 -3.73
C SER A 202 5.49 -8.01 -3.45
N ALA A 203 5.83 -8.23 -2.17
CA ALA A 203 7.22 -8.39 -1.80
C ALA A 203 7.81 -9.60 -2.51
N ALA A 204 7.02 -10.65 -2.80
CA ALA A 204 7.58 -11.88 -3.32
C ALA A 204 7.86 -11.78 -4.83
N LEU A 205 7.33 -10.75 -5.47
CA LEU A 205 7.43 -10.63 -6.95
C LEU A 205 7.62 -9.14 -7.25
N PRO A 206 8.81 -8.57 -7.00
CA PRO A 206 8.97 -7.11 -7.10
C PRO A 206 8.88 -6.56 -8.53
N GLU A 207 9.07 -7.42 -9.54
CA GLU A 207 9.13 -6.97 -10.92
C GLU A 207 7.74 -7.00 -11.58
N VAL A 208 6.72 -7.65 -10.96
CA VAL A 208 5.40 -7.70 -11.57
C VAL A 208 4.54 -6.54 -11.06
N PRO A 209 4.02 -5.70 -11.97
CA PRO A 209 3.18 -4.58 -11.56
C PRO A 209 1.80 -4.98 -11.06
N THR A 210 1.19 -4.08 -10.29
CA THR A 210 -0.20 -4.17 -9.89
C THR A 210 -1.09 -3.88 -11.10
N PHE A 211 -2.39 -4.10 -10.90
CA PHE A 211 -3.36 -3.76 -11.93
C PHE A 211 -3.55 -2.25 -11.95
N ALA A 212 -3.50 -1.61 -10.77
CA ALA A 212 -3.59 -0.16 -10.68
C ALA A 212 -2.56 0.48 -11.60
N GLU A 213 -1.32 0.00 -11.55
CA GLU A 213 -0.24 0.50 -12.39
C GLU A 213 -0.40 0.14 -13.87
N GLN A 214 -1.38 -0.70 -14.23
CA GLN A 214 -1.59 -1.08 -15.61
C GLN A 214 -2.95 -0.55 -16.04
N GLY A 215 -3.46 0.40 -15.25
CA GLY A 215 -4.61 1.20 -15.63
C GLY A 215 -5.95 0.60 -15.18
N LEU A 216 -5.94 -0.36 -14.24
CA LEU A 216 -7.20 -0.92 -13.78
C LEU A 216 -7.27 -0.86 -12.24
N PRO A 217 -7.43 0.35 -11.67
CA PRO A 217 -7.07 0.57 -10.27
C PRO A 217 -8.05 -0.08 -9.28
N SER A 218 -9.30 -0.36 -9.72
CA SER A 218 -10.31 -1.01 -8.89
C SER A 218 -10.12 -2.53 -8.77
N MET A 219 -9.11 -3.07 -9.43
CA MET A 219 -8.91 -4.51 -9.48
C MET A 219 -7.95 -4.91 -8.36
N ASN A 220 -8.57 -5.03 -7.18
CA ASN A 220 -7.94 -5.55 -5.98
C ASN A 220 -8.71 -6.77 -5.49
N ALA A 221 -7.99 -7.83 -5.16
CA ALA A 221 -8.63 -9.08 -4.73
C ALA A 221 -7.59 -9.90 -4.01
N VAL A 222 -7.76 -10.03 -2.69
CA VAL A 222 -6.75 -10.64 -1.85
C VAL A 222 -7.48 -11.62 -0.93
N THR A 223 -6.74 -12.65 -0.50
CA THR A 223 -7.20 -13.50 0.58
C THR A 223 -6.68 -12.86 1.87
N TRP A 224 -7.62 -12.33 2.66
CA TRP A 224 -7.30 -11.73 3.93
C TRP A 224 -7.63 -12.74 5.03
N PHE A 225 -6.71 -12.86 5.98
CA PHE A 225 -6.85 -13.76 7.11
C PHE A 225 -7.12 -12.91 8.35
N ALA A 226 -8.35 -13.02 8.86
CA ALA A 226 -8.84 -12.19 9.95
C ALA A 226 -9.03 -13.01 11.20
N VAL A 227 -9.04 -12.33 12.36
CA VAL A 227 -9.50 -12.91 13.62
C VAL A 227 -10.79 -12.20 14.02
N VAL A 228 -11.82 -12.99 14.36
CA VAL A 228 -13.09 -12.44 14.82
C VAL A 228 -13.55 -13.17 16.07
N ALA A 229 -14.34 -12.46 16.90
CA ALA A 229 -14.84 -12.98 18.16
C ALA A 229 -16.36 -13.16 18.08
N PRO A 230 -16.95 -14.01 18.97
CA PRO A 230 -18.40 -14.22 18.98
C PRO A 230 -19.14 -12.90 19.18
N PRO A 231 -20.39 -12.74 18.64
CA PRO A 231 -21.18 -11.53 18.87
C PRO A 231 -21.24 -11.16 20.36
N GLY A 232 -21.01 -9.87 20.68
CA GLY A 232 -21.19 -9.38 22.04
C GLY A 232 -19.94 -9.49 22.90
N THR A 233 -18.81 -9.91 22.31
CA THR A 233 -17.54 -9.90 23.02
C THR A 233 -17.19 -8.46 23.37
N PRO A 234 -16.78 -8.16 24.64
CA PRO A 234 -16.58 -6.77 25.08
C PRO A 234 -15.39 -6.12 24.39
N ALA A 235 -15.52 -4.80 24.12
CA ALA A 235 -14.55 -4.02 23.36
C ALA A 235 -13.15 -4.10 23.98
N ALA A 236 -13.09 -4.06 25.32
CA ALA A 236 -11.83 -4.06 26.04
C ALA A 236 -11.07 -5.38 25.83
N LYS A 237 -11.80 -6.49 25.85
CA LYS A 237 -11.21 -7.78 25.52
C LYS A 237 -10.76 -7.86 24.06
N VAL A 238 -11.59 -7.34 23.13
CA VAL A 238 -11.25 -7.31 21.71
C VAL A 238 -9.92 -6.54 21.55
N ALA A 239 -9.84 -5.35 22.17
CA ALA A 239 -8.67 -4.49 22.06
C ALA A 239 -7.41 -5.16 22.61
N ALA A 240 -7.51 -5.82 23.77
CA ALA A 240 -6.39 -6.52 24.37
C ALA A 240 -5.86 -7.64 23.46
N LEU A 241 -6.78 -8.34 22.78
CA LEU A 241 -6.43 -9.42 21.88
C LEU A 241 -5.72 -8.87 20.64
N GLN A 242 -6.26 -7.81 20.05
CA GLN A 242 -5.67 -7.24 18.84
C GLN A 242 -4.25 -6.74 19.12
N LYS A 243 -4.07 -6.05 20.27
CA LYS A 243 -2.76 -5.59 20.69
C LYS A 243 -1.80 -6.77 20.78
N SER A 244 -2.26 -7.93 21.29
CA SER A 244 -1.38 -9.09 21.40
C SER A 244 -1.00 -9.64 20.02
N PHE A 245 -1.98 -9.73 19.12
CA PHE A 245 -1.74 -10.22 17.77
C PHE A 245 -0.79 -9.28 17.02
N ALA A 246 -1.06 -7.98 17.07
CA ALA A 246 -0.18 -6.98 16.46
C ALA A 246 1.26 -7.11 16.98
N GLY A 247 1.44 -7.27 18.29
CA GLY A 247 2.78 -7.46 18.83
C GLY A 247 3.49 -8.67 18.25
N ALA A 248 2.79 -9.79 18.02
CA ALA A 248 3.46 -10.96 17.45
C ALA A 248 3.90 -10.70 16.01
N LEU A 249 3.09 -9.97 15.25
CA LEU A 249 3.31 -9.75 13.82
C LEU A 249 4.55 -8.88 13.57
N THR A 250 5.03 -8.20 14.64
CA THR A 250 6.25 -7.41 14.65
C THR A 250 7.50 -8.28 14.61
N GLN A 251 7.41 -9.50 15.18
CA GLN A 251 8.59 -10.31 15.36
C GLN A 251 9.14 -10.73 13.99
N PRO A 252 10.44 -10.44 13.69
CA PRO A 252 11.06 -10.84 12.43
C PRO A 252 10.78 -12.27 11.92
N GLU A 253 10.82 -13.25 12.84
CA GLU A 253 10.53 -14.64 12.52
C GLU A 253 9.09 -14.85 12.00
N VAL A 254 8.12 -14.11 12.55
CA VAL A 254 6.74 -14.13 12.08
C VAL A 254 6.66 -13.48 10.70
N GLN A 255 7.35 -12.34 10.50
CA GLN A 255 7.29 -11.61 9.24
C GLN A 255 7.91 -12.44 8.11
N GLN A 256 8.96 -13.20 8.43
CA GLN A 256 9.65 -14.04 7.47
C GLN A 256 8.78 -15.23 7.07
N LYS A 257 8.16 -15.88 8.04
CA LYS A 257 7.27 -17.01 7.78
C LYS A 257 6.01 -16.56 7.04
N PHE A 258 5.60 -15.32 7.23
CA PHE A 258 4.48 -14.78 6.49
C PHE A 258 4.91 -14.54 5.03
N ALA A 259 6.10 -13.93 4.83
CA ALA A 259 6.59 -13.67 3.49
C ALA A 259 6.74 -14.98 2.73
N GLU A 260 7.10 -16.06 3.44
CA GLU A 260 7.28 -17.35 2.81
C GLU A 260 5.97 -17.88 2.25
N GLN A 261 4.83 -17.42 2.76
CA GLN A 261 3.52 -17.80 2.26
C GLN A 261 2.96 -16.79 1.26
N GLY A 262 3.71 -15.73 0.93
CA GLY A 262 3.20 -14.68 0.08
C GLY A 262 2.32 -13.66 0.81
N ALA A 263 2.44 -13.66 2.15
CA ALA A 263 1.52 -12.96 3.01
C ALA A 263 2.18 -11.67 3.52
N GLU A 264 1.45 -10.57 3.42
CA GLU A 264 1.81 -9.31 4.03
C GLU A 264 1.17 -9.21 5.42
N PRO A 265 1.93 -9.12 6.54
CA PRO A 265 1.31 -8.88 7.86
C PRO A 265 0.58 -7.54 7.90
N ARG A 266 -0.54 -7.48 8.61
CA ARG A 266 -1.32 -6.27 8.73
C ARG A 266 -1.37 -5.90 10.22
N GLY A 267 -2.16 -6.63 11.01
CA GLY A 267 -2.29 -6.35 12.43
C GLY A 267 -3.14 -5.12 12.70
N TRP A 268 -4.18 -4.92 11.89
CA TRP A 268 -5.00 -3.71 11.94
C TRP A 268 -5.78 -3.66 13.25
N ASP A 269 -6.12 -2.44 13.70
CA ASP A 269 -6.85 -2.31 14.95
C ASP A 269 -8.29 -2.77 14.69
N PRO A 270 -9.07 -3.08 15.74
CA PRO A 270 -10.47 -3.49 15.56
C PRO A 270 -11.37 -2.60 14.69
N ALA A 271 -11.19 -1.28 14.79
CA ALA A 271 -12.01 -0.31 14.05
C ALA A 271 -11.71 -0.41 12.55
N ARG A 272 -10.43 -0.38 12.21
CA ARG A 272 -10.01 -0.55 10.82
C ARG A 272 -10.51 -1.91 10.29
N THR A 273 -10.27 -2.97 11.07
CA THR A 273 -10.67 -4.32 10.68
C THR A 273 -12.17 -4.35 10.34
N GLY A 274 -13.05 -3.77 11.18
CA GLY A 274 -14.49 -3.79 10.96
C GLY A 274 -14.93 -3.06 9.69
N GLN A 275 -14.36 -1.88 9.47
CA GLN A 275 -14.61 -1.11 8.26
C GLN A 275 -14.27 -1.94 7.02
N PHE A 276 -13.11 -2.62 7.07
CA PHE A 276 -12.61 -3.40 5.95
C PHE A 276 -13.54 -4.57 5.63
N ILE A 277 -13.92 -5.32 6.67
CA ILE A 277 -14.84 -6.45 6.53
C ILE A 277 -16.17 -5.98 5.94
N ARG A 278 -16.73 -4.88 6.45
CA ARG A 278 -18.02 -4.39 5.97
C ARG A 278 -17.86 -3.95 4.51
N ALA A 279 -16.73 -3.31 4.19
CA ALA A 279 -16.42 -2.92 2.82
C ALA A 279 -16.29 -4.14 1.90
N GLU A 280 -15.74 -5.24 2.41
CA GLU A 280 -15.48 -6.43 1.60
C GLU A 280 -16.78 -7.18 1.30
N SER A 281 -17.63 -7.34 2.33
CA SER A 281 -18.96 -7.90 2.19
C SER A 281 -19.73 -7.24 1.04
N ALA A 282 -19.76 -5.91 1.07
CA ALA A 282 -20.48 -5.12 0.09
C ALA A 282 -19.90 -5.36 -1.29
N LYS A 283 -18.58 -5.22 -1.40
CA LYS A 283 -17.87 -5.37 -2.67
C LYS A 283 -18.22 -6.72 -3.30
N TRP A 284 -18.11 -7.79 -2.51
CA TRP A 284 -18.17 -9.14 -3.07
C TRP A 284 -19.62 -9.54 -3.33
N ASP A 285 -20.57 -9.01 -2.53
CA ASP A 285 -21.99 -9.19 -2.83
C ASP A 285 -22.28 -8.59 -4.20
N ARG A 286 -21.77 -7.38 -4.44
CA ARG A 286 -21.97 -6.68 -5.68
C ARG A 286 -21.41 -7.52 -6.83
N VAL A 287 -20.23 -8.12 -6.66
CA VAL A 287 -19.65 -8.98 -7.70
C VAL A 287 -20.46 -10.25 -7.91
N ILE A 288 -20.92 -10.85 -6.83
CA ILE A 288 -21.69 -12.12 -6.90
C ILE A 288 -23.04 -11.90 -7.59
N ARG A 289 -23.67 -10.75 -7.31
N ARG A 289 -23.66 -10.76 -7.32
CA ARG A 289 -25.00 -10.45 -7.91
CA ARG A 289 -25.00 -10.46 -7.91
C ARG A 289 -24.84 -10.24 -9.42
C ARG A 289 -24.85 -10.24 -9.42
N SER A 290 -23.78 -9.53 -9.81
CA SER A 290 -23.54 -9.27 -11.25
C SER A 290 -23.14 -10.56 -11.98
N ALA A 291 -22.96 -11.69 -11.29
CA ALA A 291 -22.45 -12.86 -12.02
C ALA A 291 -23.24 -14.10 -11.62
N ASN A 292 -23.99 -14.04 -10.51
CA ASN A 292 -24.77 -15.18 -9.95
C ASN A 292 -23.93 -16.05 -9.00
N VAL A 293 -24.57 -17.03 -8.36
CA VAL A 293 -23.89 -17.93 -7.39
C VAL A 293 -23.70 -19.31 -8.04
N GLN B 3 -14.78 35.07 -4.52
CA GLN B 3 -14.22 35.34 -3.16
C GLN B 3 -12.70 35.15 -3.16
N ALA B 4 -12.07 35.52 -2.07
CA ALA B 4 -10.60 35.33 -1.94
C ALA B 4 -10.27 33.85 -1.81
N LEU B 5 -9.21 33.41 -2.45
CA LEU B 5 -8.72 32.03 -2.34
C LEU B 5 -7.68 31.97 -1.22
N LYS B 6 -7.94 31.12 -0.20
CA LYS B 6 -7.01 30.91 0.89
C LYS B 6 -6.38 29.54 0.67
N ILE B 7 -5.05 29.52 0.56
CA ILE B 7 -4.29 28.30 0.47
C ILE B 7 -3.52 28.17 1.78
N ILE B 8 -3.79 27.11 2.53
CA ILE B 8 -3.06 26.86 3.74
C ILE B 8 -1.91 25.91 3.39
N VAL B 9 -0.71 26.34 3.74
CA VAL B 9 0.47 25.49 3.74
C VAL B 9 0.75 25.09 5.19
N PRO B 10 0.61 23.80 5.59
CA PRO B 10 0.70 23.42 7.00
C PRO B 10 2.15 23.21 7.47
N TYR B 11 3.02 24.15 7.07
CA TYR B 11 4.45 24.09 7.27
C TYR B 11 4.96 25.53 7.25
N PRO B 12 6.16 25.79 7.83
CA PRO B 12 6.66 27.17 7.93
C PRO B 12 6.95 27.85 6.59
N ALA B 13 6.72 29.18 6.55
CA ALA B 13 7.21 30.05 5.49
C ALA B 13 8.70 29.78 5.24
N GLY B 14 9.11 29.81 3.97
CA GLY B 14 10.53 29.76 3.66
C GLY B 14 11.00 28.42 3.11
N GLY B 15 10.32 27.30 3.43
CA GLY B 15 10.78 26.00 2.94
C GLY B 15 10.19 25.66 1.59
N THR B 16 10.54 24.47 1.04
CA THR B 16 10.03 24.05 -0.26
C THR B 16 8.50 23.96 -0.24
N ALA B 17 7.90 23.42 0.84
CA ALA B 17 6.45 23.30 0.92
C ALA B 17 5.77 24.64 0.73
N ASP B 18 6.41 25.70 1.21
CA ASP B 18 5.85 27.05 1.11
C ASP B 18 6.16 27.67 -0.26
N ILE B 19 7.41 27.51 -0.69
CA ILE B 19 7.91 28.10 -1.92
C ILE B 19 7.09 27.68 -3.13
N LEU B 20 6.77 26.39 -3.27
CA LEU B 20 6.18 25.92 -4.52
C LEU B 20 4.76 26.47 -4.73
N PRO B 21 3.80 26.32 -3.78
CA PRO B 21 2.48 26.95 -3.91
C PRO B 21 2.55 28.47 -3.99
N ARG B 22 3.50 29.08 -3.28
CA ARG B 22 3.59 30.53 -3.21
C ARG B 22 3.89 31.09 -4.61
N VAL B 23 4.79 30.46 -5.38
CA VAL B 23 5.15 30.94 -6.71
C VAL B 23 4.01 30.72 -7.72
N VAL B 24 3.26 29.61 -7.58
CA VAL B 24 2.08 29.34 -8.39
C VAL B 24 0.99 30.39 -8.10
N ALA B 25 0.77 30.68 -6.82
CA ALA B 25 -0.25 31.60 -6.36
C ALA B 25 -0.01 33.01 -6.91
N GLU B 26 1.28 33.39 -7.06
CA GLU B 26 1.69 34.69 -7.59
C GLU B 26 1.28 34.81 -9.06
N LYS B 27 1.34 33.70 -9.81
CA LYS B 27 0.91 33.65 -11.20
C LYS B 27 -0.61 33.55 -11.36
N LEU B 28 -1.35 33.27 -10.26
CA LEU B 28 -2.79 33.04 -10.32
C LEU B 28 -3.54 34.29 -9.90
N ARG B 29 -2.84 35.33 -9.45
CA ARG B 29 -3.49 36.54 -8.90
C ARG B 29 -4.54 37.15 -9.85
N ALA B 30 -4.36 37.01 -11.16
CA ALA B 30 -5.29 37.65 -12.14
C ALA B 30 -6.62 36.89 -12.24
N GLN B 31 -6.62 35.59 -11.99
CA GLN B 31 -7.86 34.77 -12.03
C GLN B 31 -8.56 34.73 -10.67
N PHE B 32 -8.14 35.57 -9.71
CA PHE B 32 -8.68 35.57 -8.36
C PHE B 32 -8.55 36.99 -7.85
N PRO B 33 -9.35 37.91 -8.44
CA PRO B 33 -9.26 39.34 -8.17
C PRO B 33 -9.57 39.72 -6.72
N ALA B 34 -10.31 38.87 -6.00
CA ALA B 34 -10.54 39.10 -4.58
C ALA B 34 -9.31 38.71 -3.75
N GLY B 35 -8.24 38.21 -4.41
CA GLY B 35 -7.01 37.85 -3.72
C GLY B 35 -6.75 36.33 -3.66
N VAL B 36 -5.45 36.00 -3.56
CA VAL B 36 -4.97 34.66 -3.28
C VAL B 36 -3.98 34.77 -2.12
N LEU B 37 -4.30 34.15 -0.99
CA LEU B 37 -3.51 34.29 0.21
C LEU B 37 -2.92 32.94 0.56
N ILE B 38 -1.59 32.89 0.75
CA ILE B 38 -0.95 31.76 1.41
C ILE B 38 -0.90 32.03 2.92
N ASP B 39 -1.38 31.05 3.68
CA ASP B 39 -1.41 31.09 5.12
C ASP B 39 -0.59 29.90 5.65
N ASN B 40 0.50 30.17 6.40
CA ASN B 40 1.31 29.11 6.97
C ASN B 40 0.83 28.70 8.36
N ARG B 41 0.62 27.41 8.56
CA ARG B 41 0.09 26.89 9.82
C ARG B 41 0.87 25.63 10.20
N THR B 42 1.95 25.83 10.95
CA THR B 42 2.88 24.78 11.32
C THR B 42 2.33 23.98 12.51
N GLY B 43 2.72 22.71 12.61
CA GLY B 43 2.49 21.96 13.83
C GLY B 43 1.94 20.56 13.58
N ALA B 44 2.41 19.61 14.40
CA ALA B 44 1.91 18.24 14.44
C ALA B 44 1.91 17.57 13.04
N GLY B 45 3.08 17.69 12.39
CA GLY B 45 3.39 17.05 11.13
C GLY B 45 2.42 17.45 10.02
N GLY B 46 1.91 18.70 10.06
CA GLY B 46 0.98 19.19 9.05
C GLY B 46 -0.49 19.10 9.47
N ASN B 47 -0.80 18.45 10.60
CA ASN B 47 -2.17 18.13 10.96
C ASN B 47 -2.94 19.35 11.47
N ILE B 48 -2.26 20.34 12.07
CA ILE B 48 -2.98 21.52 12.56
C ILE B 48 -3.55 22.31 11.38
N GLY B 49 -2.71 22.62 10.41
CA GLY B 49 -3.18 23.37 9.26
C GLY B 49 -4.14 22.55 8.40
N ALA B 50 -3.86 21.25 8.26
CA ALA B 50 -4.70 20.36 7.48
C ALA B 50 -6.12 20.31 8.05
N GLU B 51 -6.26 20.24 9.39
CA GLU B 51 -7.58 20.18 10.00
C GLU B 51 -8.38 21.46 9.74
N ALA B 52 -7.71 22.61 9.71
CA ALA B 52 -8.36 23.89 9.39
C ALA B 52 -8.97 23.86 7.99
N VAL B 53 -8.31 23.23 7.02
CA VAL B 53 -8.88 23.17 5.69
C VAL B 53 -9.99 22.13 5.68
N PHE B 54 -9.71 20.97 6.26
CA PHE B 54 -10.65 19.86 6.29
C PHE B 54 -12.02 20.32 6.75
N ARG B 55 -12.06 21.21 7.75
CA ARG B 55 -13.28 21.68 8.36
C ARG B 55 -13.82 22.92 7.67
N ALA B 56 -13.11 23.49 6.69
CA ALA B 56 -13.59 24.68 5.99
C ALA B 56 -14.77 24.34 5.05
N GLU B 57 -15.52 25.34 4.60
CA GLU B 57 -16.58 25.11 3.65
C GLU B 57 -16.02 24.43 2.41
N PRO B 58 -16.74 23.42 1.85
CA PRO B 58 -16.33 22.76 0.60
C PRO B 58 -16.72 23.59 -0.63
N ASP B 59 -16.30 24.86 -0.67
CA ASP B 59 -16.67 25.76 -1.75
C ASP B 59 -15.49 26.01 -2.70
N GLY B 60 -14.31 25.46 -2.40
CA GLY B 60 -13.12 25.69 -3.21
C GLY B 60 -12.38 27.00 -2.90
N ASN B 61 -12.84 27.75 -1.90
CA ASN B 61 -12.18 28.99 -1.50
C ASN B 61 -11.13 28.73 -0.42
N THR B 62 -11.09 27.50 0.14
CA THR B 62 -10.04 27.13 1.09
C THR B 62 -9.44 25.80 0.66
N LEU B 63 -8.10 25.78 0.49
CA LEU B 63 -7.38 24.61 0.01
C LEU B 63 -6.14 24.36 0.89
N LEU B 64 -5.71 23.11 0.91
CA LEU B 64 -4.47 22.72 1.52
C LEU B 64 -3.45 22.41 0.43
N ALA B 65 -2.27 23.02 0.51
CA ALA B 65 -1.13 22.70 -0.34
C ALA B 65 -0.03 22.16 0.55
N SER B 66 0.25 20.87 0.39
CA SER B 66 1.00 20.17 1.40
C SER B 66 1.83 19.08 0.74
N PRO B 67 2.99 18.76 1.33
CA PRO B 67 3.63 17.48 1.08
C PRO B 67 2.82 16.36 1.73
N PRO B 68 3.25 15.09 1.63
CA PRO B 68 2.33 13.96 1.86
C PRO B 68 1.75 13.75 3.25
N GLY B 69 2.42 14.22 4.30
CA GLY B 69 2.11 13.88 5.70
C GLY B 69 0.62 13.82 6.03
N PRO B 70 -0.06 14.99 6.05
CA PRO B 70 -1.47 15.03 6.38
C PRO B 70 -2.46 14.66 5.28
N ILE B 71 -1.94 14.14 4.16
CA ILE B 71 -2.79 13.71 3.06
C ILE B 71 -2.78 12.19 2.97
N ALA B 72 -1.61 11.57 3.11
CA ALA B 72 -1.45 10.16 2.81
C ALA B 72 -0.71 9.37 3.89
N ILE B 73 -0.06 10.02 4.88
CA ILE B 73 0.88 9.30 5.75
C ILE B 73 0.46 9.33 7.21
N ASN B 74 -0.09 10.45 7.69
CA ASN B 74 -0.14 10.70 9.12
C ASN B 74 -1.15 9.80 9.84
N HIS B 75 -2.21 9.34 9.14
CA HIS B 75 -3.21 8.47 9.74
C HIS B 75 -2.64 7.07 9.95
N HIS B 76 -1.51 6.77 9.31
CA HIS B 76 -0.85 5.49 9.52
C HIS B 76 0.17 5.68 10.63
N LEU B 77 0.67 6.88 10.82
CA LEU B 77 1.74 7.11 11.84
C LEU B 77 1.10 7.51 13.17
N TYR B 78 0.16 8.44 13.15
CA TYR B 78 -0.36 9.03 14.41
C TYR B 78 -1.64 8.35 14.91
N ARG B 79 -1.85 8.46 16.23
CA ARG B 79 -3.09 7.94 16.82
C ARG B 79 -3.99 9.14 17.14
N LYS B 80 -5.29 8.92 17.24
CA LYS B 80 -6.21 10.00 17.64
C LYS B 80 -6.03 11.21 16.72
N MET B 81 -6.14 11.01 15.40
CA MET B 81 -6.09 12.16 14.48
C MET B 81 -7.47 12.82 14.45
N ALA B 82 -7.54 14.13 14.21
CA ALA B 82 -8.79 14.86 14.32
C ALA B 82 -9.58 14.84 13.02
N PHE B 83 -9.06 14.22 11.96
CA PHE B 83 -9.78 14.11 10.70
C PHE B 83 -9.31 12.88 9.94
N ASP B 84 -10.10 12.53 8.91
CA ASP B 84 -9.86 11.35 8.11
C ASP B 84 -9.31 11.78 6.74
N PRO B 85 -7.99 11.60 6.51
CA PRO B 85 -7.36 12.01 5.25
C PRO B 85 -7.88 11.31 4.01
N SER B 86 -8.51 10.13 4.16
CA SER B 86 -9.13 9.44 3.04
C SER B 86 -10.32 10.21 2.47
N LYS B 87 -10.82 11.24 3.16
CA LYS B 87 -11.96 12.00 2.67
C LYS B 87 -11.56 13.28 1.94
N TRP B 88 -10.26 13.56 1.84
CA TRP B 88 -9.76 14.68 1.06
C TRP B 88 -10.25 14.60 -0.39
N GLU B 89 -10.66 15.73 -1.01
CA GLU B 89 -10.95 15.79 -2.43
C GLU B 89 -9.69 16.19 -3.18
N PRO B 90 -9.11 15.29 -4.02
CA PRO B 90 -7.87 15.60 -4.72
C PRO B 90 -8.11 16.70 -5.76
N VAL B 91 -7.16 17.63 -5.81
CA VAL B 91 -7.19 18.64 -6.87
C VAL B 91 -6.05 18.38 -7.84
N THR B 92 -4.79 18.50 -7.36
CA THR B 92 -3.65 18.29 -8.25
C THR B 92 -2.39 17.98 -7.45
N VAL B 93 -1.35 17.49 -8.15
CA VAL B 93 0.00 17.40 -7.61
C VAL B 93 0.80 18.48 -8.32
N LEU B 94 1.27 19.48 -7.57
CA LEU B 94 2.04 20.55 -8.16
C LEU B 94 3.36 20.01 -8.69
N ALA B 95 4.07 19.21 -7.88
CA ALA B 95 5.45 18.87 -8.17
C ALA B 95 5.87 17.65 -7.36
N THR B 96 6.92 16.98 -7.85
CA THR B 96 7.59 15.90 -7.14
C THR B 96 9.06 16.25 -6.97
N VAL B 97 9.60 15.96 -5.79
CA VAL B 97 11.03 16.03 -5.51
C VAL B 97 11.44 14.62 -5.07
N PRO B 98 12.27 13.94 -5.87
CA PRO B 98 12.67 12.57 -5.57
C PRO B 98 13.67 12.43 -4.43
N ASN B 99 13.57 11.33 -3.68
CA ASN B 99 14.58 10.97 -2.69
C ASN B 99 15.72 10.24 -3.40
N VAL B 100 16.91 10.27 -2.77
CA VAL B 100 18.13 9.68 -3.30
C VAL B 100 18.86 8.94 -2.17
N LEU B 101 19.71 8.00 -2.59
CA LEU B 101 20.60 7.30 -1.62
C LEU B 101 21.94 8.01 -1.75
N VAL B 102 22.39 8.63 -0.67
CA VAL B 102 23.61 9.40 -0.66
C VAL B 102 24.56 8.70 0.32
N VAL B 103 25.83 8.57 -0.07
CA VAL B 103 26.82 7.98 0.82
C VAL B 103 28.03 8.90 0.95
N ASN B 104 28.81 8.69 2.02
CA ASN B 104 30.13 9.28 2.16
C ASN B 104 30.98 8.83 0.97
N PRO B 105 31.77 9.69 0.32
CA PRO B 105 32.50 9.25 -0.87
C PRO B 105 33.55 8.16 -0.63
N ARG B 106 33.96 7.94 0.63
CA ARG B 106 34.99 6.95 0.92
C ARG B 106 34.38 5.56 1.08
N LEU B 107 33.07 5.46 1.35
CA LEU B 107 32.44 4.15 1.42
C LEU B 107 32.83 3.37 0.17
N PRO B 108 33.31 2.10 0.25
CA PRO B 108 33.85 1.43 -0.94
C PRO B 108 32.78 0.84 -1.87
N VAL B 109 32.00 1.72 -2.52
CA VAL B 109 30.84 1.34 -3.33
C VAL B 109 30.65 2.44 -4.37
N LYS B 110 30.34 2.04 -5.61
CA LYS B 110 30.17 2.98 -6.72
C LYS B 110 28.71 3.02 -7.21
N ASN B 111 27.84 2.13 -6.73
CA ASN B 111 26.46 2.09 -7.21
C ASN B 111 25.60 1.30 -6.22
N VAL B 112 24.31 1.16 -6.54
CA VAL B 112 23.33 0.59 -5.62
C VAL B 112 23.63 -0.87 -5.32
N GLN B 113 23.90 -1.69 -6.36
CA GLN B 113 24.14 -3.11 -6.13
C GLN B 113 25.38 -3.32 -5.25
N GLU B 114 26.45 -2.55 -5.48
CA GLU B 114 27.64 -2.65 -4.66
C GLU B 114 27.29 -2.35 -3.20
N PHE B 115 26.42 -1.34 -2.99
CA PHE B 115 25.96 -0.95 -1.66
C PHE B 115 25.19 -2.06 -0.97
N ILE B 116 24.16 -2.61 -1.64
CA ILE B 116 23.37 -3.71 -1.11
C ILE B 116 24.30 -4.84 -0.67
N ALA B 117 25.25 -5.15 -1.55
CA ALA B 117 26.25 -6.19 -1.32
C ALA B 117 27.10 -5.87 -0.08
N TYR B 118 27.67 -4.65 -0.06
CA TYR B 118 28.39 -4.15 1.12
C TYR B 118 27.59 -4.34 2.42
N ALA B 119 26.28 -4.03 2.41
CA ALA B 119 25.42 -4.09 3.59
C ALA B 119 25.06 -5.54 3.97
N LYS B 120 24.79 -6.37 2.96
CA LYS B 120 24.54 -7.80 3.18
C LYS B 120 25.73 -8.44 3.90
N ALA B 121 26.96 -8.04 3.58
CA ALA B 121 28.16 -8.63 4.16
C ALA B 121 28.56 -7.93 5.47
N ASN B 122 27.76 -6.96 5.92
CA ASN B 122 28.07 -6.18 7.10
C ASN B 122 26.79 -5.90 7.88
N PRO B 123 25.95 -6.92 8.19
CA PRO B 123 24.63 -6.68 8.73
C PRO B 123 24.75 -5.98 10.09
N GLY B 124 23.96 -4.91 10.27
CA GLY B 124 23.92 -4.20 11.53
C GLY B 124 25.13 -3.29 11.74
N LYS B 125 25.90 -3.06 10.66
CA LYS B 125 27.14 -2.28 10.70
C LYS B 125 26.92 -0.92 10.05
N VAL B 126 26.31 -0.90 8.85
CA VAL B 126 26.14 0.35 8.13
C VAL B 126 25.07 1.17 8.85
N THR B 127 25.39 2.47 9.03
CA THR B 127 24.54 3.42 9.74
C THR B 127 23.86 4.33 8.71
N TYR B 128 22.58 4.62 8.91
CA TYR B 128 21.90 5.64 8.13
C TYR B 128 21.36 6.73 9.05
N GLY B 129 21.52 7.98 8.64
CA GLY B 129 20.88 9.07 9.35
C GLY B 129 19.42 9.23 8.94
N SER B 130 18.67 9.92 9.80
CA SER B 130 17.37 10.41 9.41
C SER B 130 17.08 11.72 10.14
N GLN B 131 15.93 12.30 9.82
CA GLN B 131 15.41 13.45 10.55
C GLN B 131 14.51 13.06 11.71
N GLY B 132 14.49 11.77 12.08
CA GLY B 132 13.65 11.31 13.16
C GLY B 132 12.67 10.24 12.68
N ASN B 133 12.04 9.55 13.63
CA ASN B 133 11.12 8.47 13.32
C ASN B 133 9.94 9.09 12.58
N GLY B 134 9.59 8.50 11.43
CA GLY B 134 8.39 8.81 10.68
C GLY B 134 8.58 9.84 9.57
N THR B 135 9.77 10.46 9.54
CA THR B 135 10.11 11.43 8.51
C THR B 135 10.44 10.71 7.20
N THR B 136 10.42 11.46 6.11
CA THR B 136 10.57 10.85 4.80
C THR B 136 11.93 10.14 4.69
N SER B 137 12.99 10.64 5.36
CA SER B 137 14.29 10.02 5.23
C SER B 137 14.34 8.68 5.99
N HIS B 138 13.61 8.60 7.10
CA HIS B 138 13.45 7.36 7.86
C HIS B 138 12.62 6.33 7.08
N LEU B 139 11.47 6.78 6.56
CA LEU B 139 10.57 5.88 5.84
C LEU B 139 11.23 5.38 4.56
N THR B 140 11.98 6.24 3.87
CA THR B 140 12.64 5.88 2.62
C THR B 140 13.74 4.85 2.89
N ALA B 141 14.52 5.05 3.97
CA ALA B 141 15.51 4.06 4.39
C ALA B 141 14.82 2.74 4.75
N SER B 142 13.68 2.82 5.44
CA SER B 142 12.87 1.65 5.79
C SER B 142 12.45 0.85 4.54
N LEU B 143 11.84 1.56 3.58
CA LEU B 143 11.42 0.97 2.31
C LEU B 143 12.59 0.25 1.64
N PHE B 144 13.75 0.91 1.56
CA PHE B 144 14.94 0.33 0.97
C PHE B 144 15.31 -0.98 1.66
N MET B 145 15.28 -1.01 3.00
CA MET B 145 15.71 -2.17 3.77
C MET B 145 14.70 -3.31 3.58
N GLN B 146 13.42 -2.97 3.53
CA GLN B 146 12.36 -3.94 3.28
C GLN B 146 12.50 -4.59 1.89
N LEU B 147 12.84 -3.82 0.84
CA LEU B 147 12.94 -4.35 -0.51
C LEU B 147 14.22 -5.15 -0.72
N THR B 148 15.22 -4.95 0.16
CA THR B 148 16.56 -5.49 -0.10
C THR B 148 17.01 -6.50 0.95
N GLY B 149 16.26 -6.64 2.04
CA GLY B 149 16.64 -7.51 3.14
C GLY B 149 17.94 -7.09 3.82
N THR B 150 18.31 -5.79 3.74
CA THR B 150 19.50 -5.28 4.40
C THR B 150 19.14 -4.81 5.81
N GLU B 151 20.16 -4.80 6.69
CA GLU B 151 20.05 -4.37 8.08
C GLU B 151 21.04 -3.24 8.32
N MET B 152 20.52 -2.08 8.71
CA MET B 152 21.34 -0.89 8.94
C MET B 152 20.89 -0.27 10.25
N VAL B 153 21.76 0.55 10.82
CA VAL B 153 21.50 1.16 12.12
C VAL B 153 20.94 2.56 11.90
N HIS B 154 19.79 2.79 12.54
CA HIS B 154 19.12 4.10 12.45
C HIS B 154 19.73 5.10 13.43
N VAL B 155 20.31 6.17 12.89
CA VAL B 155 20.82 7.27 13.68
C VAL B 155 20.00 8.52 13.39
N PRO B 156 18.97 8.82 14.19
CA PRO B 156 18.14 10.00 13.96
C PRO B 156 18.90 11.25 14.41
N TYR B 157 18.59 12.35 13.72
CA TYR B 157 19.13 13.67 14.02
C TYR B 157 17.97 14.66 14.08
N LYS B 158 18.26 15.90 14.51
CA LYS B 158 17.19 16.84 14.81
C LYS B 158 16.73 17.51 13.51
N GLY B 159 17.57 17.44 12.49
CA GLY B 159 17.16 17.78 11.13
C GLY B 159 18.19 17.22 10.15
N THR B 160 18.03 17.57 8.87
CA THR B 160 18.91 17.12 7.81
C THR B 160 20.33 17.66 7.95
N ALA B 161 20.44 18.96 8.28
CA ALA B 161 21.73 19.64 8.37
C ALA B 161 22.75 18.83 9.17
N PRO B 162 22.51 18.50 10.45
CA PRO B 162 23.49 17.73 11.24
C PRO B 162 23.77 16.31 10.77
N ALA B 163 22.75 15.69 10.14
CA ALA B 163 22.94 14.45 9.39
C ALA B 163 23.96 14.65 8.27
N LEU B 164 23.80 15.71 7.45
CA LEU B 164 24.69 15.95 6.34
C LEU B 164 26.12 16.24 6.81
N VAL B 165 26.26 16.95 7.93
CA VAL B 165 27.57 17.27 8.48
C VAL B 165 28.27 15.96 8.79
N ASP B 166 27.57 15.07 9.49
CA ASP B 166 28.10 13.77 9.88
C ASP B 166 28.27 12.81 8.70
N LEU B 167 27.47 12.97 7.63
CA LEU B 167 27.67 12.13 6.45
C LEU B 167 28.95 12.53 5.73
N VAL B 168 29.15 13.85 5.58
CA VAL B 168 30.34 14.38 4.95
C VAL B 168 31.56 14.01 5.79
N GLY B 169 31.46 14.13 7.12
CA GLY B 169 32.56 13.80 8.03
C GLY B 169 32.84 12.29 8.11
N GLY B 170 31.85 11.48 7.75
CA GLY B 170 31.97 10.04 7.73
C GLY B 170 31.60 9.41 9.07
N GLN B 171 30.88 10.12 9.95
CA GLN B 171 30.44 9.54 11.21
C GLN B 171 29.14 8.76 11.03
N ILE B 172 28.42 8.98 9.92
CA ILE B 172 27.42 8.03 9.44
C ILE B 172 27.79 7.63 8.01
N ASP B 173 27.16 6.56 7.51
CA ASP B 173 27.50 5.98 6.22
C ASP B 173 26.53 6.39 5.11
N VAL B 174 25.22 6.40 5.38
CA VAL B 174 24.24 6.72 4.33
C VAL B 174 23.15 7.67 4.83
N PHE B 175 22.48 8.29 3.86
CA PHE B 175 21.30 9.11 4.11
C PHE B 175 20.41 8.99 2.89
N PHE B 176 19.08 8.82 3.10
CA PHE B 176 18.11 8.89 2.03
C PHE B 176 17.44 10.26 2.02
N ASP B 177 18.03 11.18 1.25
CA ASP B 177 17.74 12.60 1.29
C ASP B 177 16.93 12.99 0.07
N ASN B 178 16.30 14.16 0.13
CA ASN B 178 15.72 14.71 -1.06
C ASN B 178 16.89 15.14 -1.94
N ILE B 179 16.67 15.12 -3.25
CA ILE B 179 17.74 15.30 -4.20
C ILE B 179 18.28 16.73 -4.11
N SER B 180 17.42 17.73 -3.90
CA SER B 180 17.90 19.10 -3.97
C SER B 180 18.80 19.42 -2.77
N SER B 181 18.63 18.71 -1.65
CA SER B 181 19.44 18.87 -0.45
C SER B 181 20.87 18.34 -0.64
N SER B 182 21.02 17.13 -1.19
CA SER B 182 22.35 16.46 -1.31
C SER B 182 23.06 16.75 -2.64
N LEU B 183 22.34 17.24 -3.64
CA LEU B 183 22.88 17.47 -4.96
C LEU B 183 24.11 18.39 -4.94
N PRO B 184 24.07 19.52 -4.21
CA PRO B 184 25.23 20.40 -4.11
C PRO B 184 26.50 19.69 -3.67
N PHE B 185 26.37 18.77 -2.73
CA PHE B 185 27.49 18.03 -2.15
C PHE B 185 27.98 16.97 -3.12
N HIS B 186 27.04 16.35 -3.85
CA HIS B 186 27.38 15.45 -4.94
C HIS B 186 28.24 16.14 -5.99
N GLN B 187 27.78 17.26 -6.53
CA GLN B 187 28.46 17.97 -7.60
C GLN B 187 29.81 18.55 -7.14
N ALA B 188 29.99 18.75 -5.83
CA ALA B 188 31.23 19.30 -5.28
C ALA B 188 32.17 18.18 -4.86
N GLY B 189 31.72 16.92 -4.97
CA GLY B 189 32.56 15.76 -4.74
C GLY B 189 32.65 15.39 -3.26
N LYS B 190 31.82 16.02 -2.40
CA LYS B 190 31.88 15.80 -0.97
C LYS B 190 30.94 14.68 -0.54
N LEU B 191 29.94 14.34 -1.37
CA LEU B 191 29.13 13.13 -1.18
C LEU B 191 28.92 12.44 -2.54
N ARG B 192 28.40 11.21 -2.48
CA ARG B 192 28.17 10.42 -3.66
C ARG B 192 26.73 9.89 -3.65
N ILE B 193 25.91 10.40 -4.57
CA ILE B 193 24.57 9.88 -4.80
C ILE B 193 24.64 8.66 -5.70
N LEU B 194 24.11 7.52 -5.21
CA LEU B 194 24.17 6.23 -5.89
C LEU B 194 22.94 5.95 -6.75
N GLY B 195 21.78 6.54 -6.38
CA GLY B 195 20.51 6.17 -7.01
C GLY B 195 19.40 7.16 -6.69
N VAL B 196 18.50 7.34 -7.67
CA VAL B 196 17.31 8.18 -7.54
C VAL B 196 16.10 7.27 -7.40
N ALA B 197 15.31 7.51 -6.35
CA ALA B 197 14.19 6.65 -6.02
C ALA B 197 12.94 7.15 -6.74
N ASP B 198 12.94 7.02 -8.10
CA ASP B 198 11.89 7.55 -8.97
C ASP B 198 11.80 6.70 -10.24
N GLU B 199 10.73 6.92 -11.00
CA GLU B 199 10.44 6.12 -12.19
C GLU B 199 11.32 6.59 -13.33
N GLN B 200 11.75 7.84 -13.29
CA GLN B 200 12.67 8.36 -14.28
C GLN B 200 13.77 9.13 -13.56
N ARG B 201 14.91 9.27 -14.24
CA ARG B 201 16.04 10.05 -13.75
C ARG B 201 15.62 11.50 -13.56
N SER B 202 16.36 12.23 -12.70
CA SER B 202 16.12 13.64 -12.49
C SER B 202 16.88 14.48 -13.51
N ALA B 203 16.22 15.53 -14.02
CA ALA B 203 16.84 16.50 -14.91
C ALA B 203 18.03 17.17 -14.22
N ALA B 204 18.00 17.20 -12.89
CA ALA B 204 19.07 17.88 -12.14
C ALA B 204 20.32 17.00 -12.06
N LEU B 205 20.16 15.70 -12.25
CA LEU B 205 21.29 14.75 -12.11
C LEU B 205 21.15 13.70 -13.21
N PRO B 206 21.25 14.11 -14.49
CA PRO B 206 21.01 13.18 -15.59
C PRO B 206 21.95 11.97 -15.60
N GLU B 207 23.09 12.09 -14.95
CA GLU B 207 24.07 11.02 -15.03
C GLU B 207 23.73 9.89 -14.05
N VAL B 208 22.91 10.19 -13.04
CA VAL B 208 22.65 9.19 -11.97
C VAL B 208 21.42 8.37 -12.30
N PRO B 209 21.52 7.03 -12.24
CA PRO B 209 20.41 6.17 -12.61
C PRO B 209 19.38 5.96 -11.51
N THR B 210 18.16 5.66 -11.94
CA THR B 210 17.10 5.33 -10.96
C THR B 210 17.41 3.98 -10.33
N PHE B 211 16.82 3.68 -9.19
CA PHE B 211 16.98 2.38 -8.59
C PHE B 211 16.44 1.29 -9.53
N ALA B 212 15.36 1.60 -10.26
CA ALA B 212 14.77 0.64 -11.19
C ALA B 212 15.84 0.16 -12.19
N GLU B 213 16.61 1.10 -12.76
CA GLU B 213 17.71 0.77 -13.65
C GLU B 213 18.78 -0.10 -12.98
N GLN B 214 18.83 -0.14 -11.64
CA GLN B 214 19.84 -0.89 -10.91
C GLN B 214 19.19 -2.12 -10.28
N GLY B 215 18.01 -2.48 -10.79
CA GLY B 215 17.38 -3.75 -10.49
C GLY B 215 16.66 -3.75 -9.14
N LEU B 216 16.17 -2.59 -8.71
CA LEU B 216 15.30 -2.50 -7.51
C LEU B 216 14.06 -1.72 -7.97
N PRO B 217 13.11 -2.36 -8.66
CA PRO B 217 11.99 -1.66 -9.31
C PRO B 217 10.92 -0.97 -8.46
N SER B 218 10.66 -1.43 -7.23
CA SER B 218 9.61 -0.77 -6.45
C SER B 218 10.21 0.30 -5.50
N MET B 219 11.50 0.65 -5.68
CA MET B 219 12.14 1.66 -4.86
C MET B 219 11.88 3.04 -5.43
N ASN B 220 10.67 3.53 -5.11
CA ASN B 220 10.16 4.80 -5.57
C ASN B 220 9.67 5.57 -4.34
N ALA B 221 10.25 6.75 -4.09
CA ALA B 221 9.94 7.51 -2.89
C ALA B 221 10.25 8.97 -3.17
N VAL B 222 9.20 9.75 -3.42
CA VAL B 222 9.34 11.17 -3.72
C VAL B 222 8.53 11.95 -2.69
N THR B 223 8.92 13.22 -2.48
CA THR B 223 8.07 14.18 -1.80
C THR B 223 7.24 14.88 -2.86
N TRP B 224 5.94 14.59 -2.82
CA TRP B 224 4.97 15.19 -3.68
C TRP B 224 4.24 16.30 -2.94
N PHE B 225 4.09 17.42 -3.65
CA PHE B 225 3.40 18.56 -3.15
C PHE B 225 2.06 18.62 -3.85
N ALA B 226 0.98 18.42 -3.06
CA ALA B 226 -0.35 18.32 -3.65
C ALA B 226 -1.23 19.48 -3.19
N VAL B 227 -2.38 19.61 -3.85
CA VAL B 227 -3.46 20.48 -3.44
C VAL B 227 -4.69 19.59 -3.27
N VAL B 228 -5.32 19.70 -2.10
CA VAL B 228 -6.55 19.00 -1.77
C VAL B 228 -7.55 20.01 -1.24
N ALA B 229 -8.82 19.68 -1.48
CA ALA B 229 -9.93 20.51 -1.04
C ALA B 229 -10.74 19.76 0.00
N PRO B 230 -11.55 20.48 0.79
CA PRO B 230 -12.37 19.85 1.83
C PRO B 230 -13.29 18.79 1.25
N PRO B 231 -13.59 17.75 2.07
CA PRO B 231 -14.58 16.74 1.68
C PRO B 231 -15.87 17.36 1.17
N GLY B 232 -16.37 16.87 0.04
CA GLY B 232 -17.63 17.31 -0.52
C GLY B 232 -17.47 18.45 -1.52
N THR B 233 -16.25 18.95 -1.75
CA THR B 233 -16.04 20.05 -2.70
C THR B 233 -16.46 19.58 -4.10
N PRO B 234 -17.37 20.26 -4.83
CA PRO B 234 -17.90 19.73 -6.09
C PRO B 234 -16.86 19.55 -7.18
N ALA B 235 -17.13 18.56 -8.03
CA ALA B 235 -16.29 18.13 -9.13
C ALA B 235 -15.99 19.30 -10.08
N ALA B 236 -16.97 20.17 -10.30
CA ALA B 236 -16.80 21.30 -11.20
C ALA B 236 -15.79 22.30 -10.63
N LYS B 237 -15.85 22.52 -9.32
CA LYS B 237 -14.98 23.47 -8.67
C LYS B 237 -13.57 22.88 -8.62
N VAL B 238 -13.46 21.57 -8.38
CA VAL B 238 -12.15 20.91 -8.36
C VAL B 238 -11.53 20.97 -9.76
N ALA B 239 -12.37 20.80 -10.80
CA ALA B 239 -11.88 20.85 -12.17
C ALA B 239 -11.35 22.23 -12.51
N ALA B 240 -12.11 23.29 -12.18
CA ALA B 240 -11.68 24.66 -12.41
C ALA B 240 -10.34 24.94 -11.73
N LEU B 241 -10.16 24.49 -10.46
CA LEU B 241 -8.96 24.79 -9.70
C LEU B 241 -7.75 24.09 -10.31
N GLN B 242 -7.88 22.80 -10.64
CA GLN B 242 -6.79 22.04 -11.23
C GLN B 242 -6.39 22.65 -12.58
N LYS B 243 -7.37 23.18 -13.35
CA LYS B 243 -7.06 23.80 -14.63
C LYS B 243 -6.16 25.02 -14.40
N SER B 244 -6.54 25.86 -13.43
CA SER B 244 -5.81 27.08 -13.08
C SER B 244 -4.39 26.77 -12.61
N PHE B 245 -4.25 25.74 -11.74
CA PHE B 245 -2.94 25.34 -11.24
C PHE B 245 -2.07 24.79 -12.35
N ALA B 246 -2.63 23.93 -13.21
CA ALA B 246 -1.89 23.31 -14.30
C ALA B 246 -1.41 24.36 -15.30
N GLY B 247 -2.19 25.42 -15.48
CA GLY B 247 -1.84 26.53 -16.35
C GLY B 247 -0.69 27.38 -15.78
N ALA B 248 -0.70 27.63 -14.48
CA ALA B 248 0.34 28.38 -13.80
C ALA B 248 1.67 27.64 -13.89
N LEU B 249 1.65 26.30 -13.90
CA LEU B 249 2.86 25.48 -13.90
C LEU B 249 3.63 25.58 -15.21
N THR B 250 2.96 26.01 -16.30
CA THR B 250 3.63 26.16 -17.58
C THR B 250 4.28 27.54 -17.70
N GLN B 251 4.20 28.38 -16.67
CA GLN B 251 4.81 29.70 -16.71
C GLN B 251 6.31 29.54 -16.51
N PRO B 252 7.13 30.40 -17.14
CA PRO B 252 8.56 30.13 -17.27
C PRO B 252 9.21 30.42 -15.93
N GLU B 253 8.72 31.47 -15.26
CA GLU B 253 9.12 31.88 -13.93
C GLU B 253 8.72 30.87 -12.86
N VAL B 254 7.64 30.10 -13.08
CA VAL B 254 7.28 29.01 -12.18
C VAL B 254 8.24 27.84 -12.38
N GLN B 255 8.50 27.48 -13.63
CA GLN B 255 9.36 26.33 -13.90
C GLN B 255 10.79 26.57 -13.38
N GLN B 256 11.21 27.83 -13.42
CA GLN B 256 12.52 28.22 -12.94
C GLN B 256 12.58 28.02 -11.44
N LYS B 257 11.63 28.62 -10.73
CA LYS B 257 11.61 28.50 -9.25
C LYS B 257 11.51 27.03 -8.84
N PHE B 258 10.75 26.24 -9.61
CA PHE B 258 10.60 24.83 -9.29
C PHE B 258 11.92 24.08 -9.46
N ALA B 259 12.59 24.33 -10.61
CA ALA B 259 13.87 23.69 -10.89
C ALA B 259 14.88 23.99 -9.78
N GLU B 260 14.83 25.18 -9.18
CA GLU B 260 15.73 25.50 -8.06
C GLU B 260 15.55 24.59 -6.84
N GLN B 261 14.36 23.99 -6.69
CA GLN B 261 14.01 23.19 -5.51
C GLN B 261 14.13 21.70 -5.82
N GLY B 262 14.60 21.35 -7.03
CA GLY B 262 14.70 19.98 -7.48
C GLY B 262 13.34 19.37 -7.80
N ALA B 263 12.36 20.25 -8.04
CA ALA B 263 10.95 19.89 -8.11
C ALA B 263 10.49 19.83 -9.57
N GLU B 264 9.97 18.67 -10.00
CA GLU B 264 9.52 18.52 -11.36
C GLU B 264 8.03 18.87 -11.39
N PRO B 265 7.59 19.93 -12.12
CA PRO B 265 6.18 20.29 -12.19
C PRO B 265 5.38 19.12 -12.73
N ARG B 266 4.16 18.91 -12.19
CA ARG B 266 3.32 17.80 -12.62
C ARG B 266 1.98 18.30 -13.13
N GLY B 267 1.15 18.85 -12.22
CA GLY B 267 -0.14 19.39 -12.58
C GLY B 267 -1.11 18.32 -13.08
N TRP B 268 -1.01 17.12 -12.51
CA TRP B 268 -1.94 16.05 -12.84
C TRP B 268 -3.41 16.42 -12.61
N ASP B 269 -4.25 15.73 -13.38
CA ASP B 269 -5.69 15.95 -13.31
C ASP B 269 -6.21 15.31 -12.02
N PRO B 270 -7.41 15.69 -11.54
CA PRO B 270 -7.90 15.25 -10.23
C PRO B 270 -7.97 13.74 -10.02
N ALA B 271 -8.40 13.04 -11.09
CA ALA B 271 -8.55 11.59 -11.08
C ALA B 271 -7.20 10.92 -10.88
N ARG B 272 -6.22 11.30 -11.70
CA ARG B 272 -4.85 10.83 -11.62
C ARG B 272 -4.24 11.14 -10.25
N THR B 273 -4.48 12.36 -9.77
CA THR B 273 -4.00 12.77 -8.46
C THR B 273 -4.57 11.84 -7.39
N GLY B 274 -5.89 11.61 -7.50
CA GLY B 274 -6.61 10.76 -6.57
C GLY B 274 -6.01 9.37 -6.48
N GLN B 275 -5.81 8.73 -7.65
CA GLN B 275 -5.22 7.41 -7.70
C GLN B 275 -3.81 7.37 -7.11
N PHE B 276 -3.00 8.37 -7.46
CA PHE B 276 -1.65 8.51 -6.93
C PHE B 276 -1.65 8.59 -5.39
N ILE B 277 -2.51 9.42 -4.79
CA ILE B 277 -2.57 9.58 -3.34
C ILE B 277 -2.95 8.24 -2.68
N ARG B 278 -3.93 7.52 -3.24
CA ARG B 278 -4.36 6.24 -2.67
C ARG B 278 -3.25 5.18 -2.76
N ALA B 279 -2.52 5.09 -3.88
CA ALA B 279 -1.38 4.17 -3.97
C ALA B 279 -0.25 4.54 -3.00
N GLU B 280 0.02 5.86 -2.84
CA GLU B 280 0.99 6.34 -1.87
C GLU B 280 0.61 5.98 -0.44
N SER B 281 -0.65 6.19 -0.08
CA SER B 281 -1.17 5.83 1.25
C SER B 281 -0.96 4.34 1.53
N ALA B 282 -1.25 3.50 0.54
CA ALA B 282 -1.09 2.05 0.70
C ALA B 282 0.39 1.67 0.86
N LYS B 283 1.27 2.38 0.15
CA LYS B 283 2.70 2.07 0.17
C LYS B 283 3.29 2.41 1.54
N TRP B 284 3.03 3.65 2.01
CA TRP B 284 3.61 4.11 3.27
C TRP B 284 2.99 3.41 4.47
N ASP B 285 1.70 3.06 4.40
CA ASP B 285 1.05 2.22 5.41
C ASP B 285 1.87 0.93 5.63
N ARG B 286 2.23 0.27 4.53
CA ARG B 286 2.98 -0.98 4.60
C ARG B 286 4.40 -0.80 5.13
N VAL B 287 5.11 0.25 4.66
CA VAL B 287 6.43 0.57 5.18
C VAL B 287 6.38 0.82 6.69
N ILE B 288 5.41 1.62 7.15
CA ILE B 288 5.29 2.00 8.56
C ILE B 288 5.05 0.77 9.43
N ARG B 289 4.11 -0.10 9.01
CA ARG B 289 3.74 -1.26 9.78
C ARG B 289 4.90 -2.24 9.83
N SER B 290 5.59 -2.44 8.72
CA SER B 290 6.70 -3.37 8.67
C SER B 290 7.88 -2.86 9.51
N ALA B 291 8.12 -1.53 9.52
CA ALA B 291 9.21 -0.96 10.29
C ALA B 291 8.77 -0.76 11.74
N ASN B 292 7.48 -0.98 12.02
CA ASN B 292 6.97 -0.88 13.37
C ASN B 292 7.24 0.53 13.88
N VAL B 293 6.95 1.52 13.02
CA VAL B 293 6.93 2.93 13.36
C VAL B 293 5.54 3.31 13.88
#